data_7NFW
#
_entry.id   7NFW
#
_cell.length_a   82.007
_cell.length_b   112.003
_cell.length_c   62.511
_cell.angle_alpha   90
_cell.angle_beta   90
_cell.angle_gamma   90
#
_symmetry.space_group_name_H-M   'C 2 2 21'
#
loop_
_entity.id
_entity.type
_entity.pdbx_description
1 polymer '14-3-3 protein sigma'
2 polymer 'Estrogen receptor'
3 water water
#
loop_
_entity_poly.entity_id
_entity_poly.type
_entity_poly.pdbx_seq_one_letter_code
_entity_poly.pdbx_strand_id
1 'polypeptide(L)'
;MSYYHHHHHHDYDIPTTENLYFQGAMGSMERASLIQKAKLAEQAERYEDMAAFMKGAVEKGEELSCEERNLLSVAYKNVV
GGQRAAWRVLSSIEQKSNEEGSEEKGPEVREYREKVETELQGVCDTVLGLLDSHLIKEAGDAESRVFYLKMKGDYYRYLA
EVATGDDKKRIIDSARSAYQEAMDISKKEMPPTNPIRLGLALNFSVFHYEIANSPEEAISLAKTTFDEAMADLHTLSEDS
YKDSTLIMQLLRDNLTLWTADNAGEEGGEAPQEPQS
;
A
2 'polypeptide(L)' AEGFPA(TPO)V B
#
# COMPACT_ATOMS: atom_id res chain seq x y z
N GLY A 24 -14.69 -8.09 17.49
CA GLY A 24 -15.53 -8.47 16.36
C GLY A 24 -15.68 -9.96 16.19
N ALA A 25 -15.58 -10.46 14.93
CA ALA A 25 -15.72 -11.87 14.62
C ALA A 25 -14.63 -12.74 15.23
N MET A 26 -13.42 -12.19 15.36
CA MET A 26 -12.25 -12.88 15.93
C MET A 26 -12.00 -12.55 17.40
N GLY A 27 -12.97 -11.93 18.06
CA GLY A 27 -12.89 -11.44 19.42
C GLY A 27 -12.60 -12.52 20.44
N SER A 28 -13.04 -13.78 20.18
CA SER A 28 -12.80 -14.84 21.14
C SER A 28 -11.49 -15.56 20.97
N MET A 29 -10.72 -15.27 19.92
CA MET A 29 -9.44 -15.93 19.71
CA MET A 29 -9.45 -15.91 19.66
C MET A 29 -8.31 -15.15 20.28
N GLU A 30 -7.33 -15.86 20.86
CA GLU A 30 -6.14 -15.24 21.42
C GLU A 30 -5.38 -14.51 20.34
N ARG A 31 -4.76 -13.40 20.70
CA ARG A 31 -3.94 -12.66 19.75
C ARG A 31 -2.85 -13.54 19.12
N ALA A 32 -2.15 -14.37 19.93
CA ALA A 32 -1.08 -15.19 19.37
C ALA A 32 -1.62 -16.22 18.39
N SER A 33 -2.83 -16.74 18.65
CA SER A 33 -3.46 -17.72 17.77
C SER A 33 -3.87 -17.05 16.46
N LEU A 34 -4.35 -15.82 16.49
CA LEU A 34 -4.68 -15.08 15.27
C LEU A 34 -3.43 -14.87 14.40
N ILE A 35 -2.31 -14.53 15.00
CA ILE A 35 -1.06 -14.33 14.27
CA ILE A 35 -1.08 -14.34 14.23
C ILE A 35 -0.58 -15.65 13.66
N GLN A 36 -0.65 -16.73 14.46
CA GLN A 36 -0.23 -18.04 13.97
C GLN A 36 -1.12 -18.48 12.79
N LYS A 37 -2.43 -18.26 12.89
CA LYS A 37 -3.34 -18.59 11.82
C LYS A 37 -3.16 -17.70 10.61
N ALA A 38 -2.78 -16.44 10.77
CA ALA A 38 -2.48 -15.58 9.63
C ALA A 38 -1.27 -16.16 8.86
N LYS A 39 -0.27 -16.68 9.57
CA LYS A 39 0.90 -17.27 8.92
C LYS A 39 0.51 -18.56 8.19
N LEU A 40 -0.37 -19.37 8.77
CA LEU A 40 -0.86 -20.59 8.10
C LEU A 40 -1.68 -20.23 6.86
N ALA A 41 -2.52 -19.20 6.96
CA ALA A 41 -3.35 -18.76 5.83
C ALA A 41 -2.43 -18.25 4.70
N GLU A 42 -1.32 -17.59 5.04
CA GLU A 42 -0.36 -17.15 4.03
C GLU A 42 0.22 -18.37 3.28
N GLN A 43 0.62 -19.41 4.01
CA GLN A 43 1.18 -20.60 3.39
C GLN A 43 0.15 -21.31 2.51
N ALA A 44 -1.11 -21.27 2.90
CA ALA A 44 -2.21 -21.90 2.16
C ALA A 44 -2.78 -21.01 1.03
N GLU A 45 -2.23 -19.79 0.86
CA GLU A 45 -2.69 -18.80 -0.10
C GLU A 45 -4.14 -18.43 0.10
N ARG A 46 -4.55 -18.33 1.37
CA ARG A 46 -5.92 -17.96 1.73
C ARG A 46 -5.83 -16.53 2.26
N TYR A 47 -5.73 -15.58 1.35
CA TYR A 47 -5.47 -14.20 1.76
C TYR A 47 -6.64 -13.50 2.40
N GLU A 48 -7.87 -13.84 2.05
CA GLU A 48 -9.04 -13.26 2.73
C GLU A 48 -9.05 -13.72 4.18
N ASP A 49 -8.76 -15.00 4.44
CA ASP A 49 -8.68 -15.47 5.83
C ASP A 49 -7.50 -14.78 6.52
N MET A 50 -6.38 -14.64 5.84
CA MET A 50 -5.20 -13.99 6.42
C MET A 50 -5.53 -12.56 6.85
N ALA A 51 -6.28 -11.85 6.02
CA ALA A 51 -6.67 -10.50 6.34
C ALA A 51 -7.61 -10.44 7.51
N ALA A 52 -8.56 -11.38 7.59
CA ALA A 52 -9.49 -11.41 8.72
C ALA A 52 -8.77 -11.73 10.04
N PHE A 53 -7.81 -12.64 10.01
CA PHE A 53 -7.02 -12.94 11.21
C PHE A 53 -6.21 -11.72 11.63
N MET A 54 -5.58 -11.01 10.69
CA MET A 54 -4.80 -9.84 11.05
C MET A 54 -5.66 -8.67 11.50
N LYS A 55 -6.85 -8.50 10.94
CA LYS A 55 -7.77 -7.49 11.44
C LYS A 55 -8.15 -7.81 12.90
N GLY A 56 -8.42 -9.09 13.19
CA GLY A 56 -8.67 -9.51 14.57
C GLY A 56 -7.50 -9.21 15.48
N ALA A 57 -6.26 -9.44 15.01
CA ALA A 57 -5.07 -9.17 15.83
C ALA A 57 -4.96 -7.67 16.07
N VAL A 58 -5.18 -6.82 15.06
CA VAL A 58 -5.12 -5.37 15.28
C VAL A 58 -6.16 -4.94 16.31
N GLU A 59 -7.36 -5.52 16.23
CA GLU A 59 -8.43 -5.14 17.13
C GLU A 59 -8.19 -5.54 18.58
N LYS A 60 -7.15 -6.33 18.86
CA LYS A 60 -6.80 -6.60 20.25
C LYS A 60 -6.28 -5.34 20.95
N GLY A 61 -5.85 -4.34 20.18
CA GLY A 61 -5.49 -3.06 20.76
C GLY A 61 -4.03 -2.87 21.05
N GLU A 62 -3.22 -3.91 20.94
CA GLU A 62 -1.79 -3.80 21.18
C GLU A 62 -1.09 -3.34 19.92
N GLU A 63 0.06 -2.69 20.06
CA GLU A 63 0.87 -2.30 18.91
C GLU A 63 1.38 -3.57 18.20
N LEU A 64 1.67 -3.46 16.92
CA LEU A 64 2.14 -4.59 16.13
C LEU A 64 3.64 -4.56 16.02
N SER A 65 4.29 -5.71 16.05
CA SER A 65 5.70 -5.81 15.78
C SER A 65 5.96 -5.63 14.29
N CYS A 66 7.22 -5.57 13.89
CA CYS A 66 7.58 -5.47 12.51
C CYS A 66 7.03 -6.64 11.67
N GLU A 67 7.20 -7.87 12.17
CA GLU A 67 6.71 -9.04 11.46
C GLU A 67 5.18 -8.98 11.33
N GLU A 68 4.50 -8.57 12.39
CA GLU A 68 3.03 -8.50 12.37
C GLU A 68 2.54 -7.41 11.41
N ARG A 69 3.24 -6.27 11.32
CA ARG A 69 2.85 -5.22 10.36
C ARG A 69 2.96 -5.73 8.95
N ASN A 70 3.99 -6.54 8.68
CA ASN A 70 4.18 -7.09 7.35
C ASN A 70 3.13 -8.16 7.05
N LEU A 71 2.67 -8.94 8.03
CA LEU A 71 1.59 -9.90 7.77
C LEU A 71 0.31 -9.13 7.44
N LEU A 72 0.02 -8.03 8.13
CA LEU A 72 -1.17 -7.22 7.87
C LEU A 72 -1.12 -6.66 6.45
N SER A 73 0.03 -6.13 6.06
CA SER A 73 0.14 -5.53 4.73
CA SER A 73 0.19 -5.55 4.75
C SER A 73 0.09 -6.57 3.63
N VAL A 74 0.74 -7.72 3.81
CA VAL A 74 0.70 -8.76 2.76
C VAL A 74 -0.74 -9.23 2.57
N ALA A 75 -1.48 -9.42 3.66
CA ALA A 75 -2.84 -9.95 3.57
C ALA A 75 -3.73 -9.00 2.78
N TYR A 76 -3.77 -7.73 3.15
CA TYR A 76 -4.65 -6.79 2.51
C TYR A 76 -4.16 -6.44 1.11
N LYS A 77 -2.86 -6.46 0.85
CA LYS A 77 -2.37 -6.16 -0.49
C LYS A 77 -2.84 -7.22 -1.47
N ASN A 78 -2.82 -8.48 -1.07
CA ASN A 78 -3.29 -9.55 -1.92
C ASN A 78 -4.79 -9.48 -2.12
N VAL A 79 -5.56 -9.16 -1.08
CA VAL A 79 -7.02 -9.07 -1.23
C VAL A 79 -7.38 -7.94 -2.17
N VAL A 80 -6.86 -6.74 -1.90
CA VAL A 80 -7.19 -5.59 -2.72
CA VAL A 80 -7.17 -5.59 -2.74
C VAL A 80 -6.58 -5.73 -4.12
N GLY A 81 -5.45 -6.42 -4.26
CA GLY A 81 -4.83 -6.61 -5.57
C GLY A 81 -5.72 -7.43 -6.48
N GLY A 82 -6.37 -8.46 -5.94
CA GLY A 82 -7.31 -9.25 -6.73
C GLY A 82 -8.50 -8.40 -7.14
N GLN A 83 -8.99 -7.59 -6.23
CA GLN A 83 -10.14 -6.72 -6.50
C GLN A 83 -9.80 -5.69 -7.57
N ARG A 84 -8.61 -5.10 -7.48
CA ARG A 84 -8.16 -4.11 -8.46
C ARG A 84 -8.01 -4.74 -9.83
N ALA A 85 -7.45 -5.94 -9.91
CA ALA A 85 -7.29 -6.63 -11.18
C ALA A 85 -8.67 -6.92 -11.80
N ALA A 86 -9.64 -7.34 -10.97
CA ALA A 86 -10.99 -7.62 -11.48
C ALA A 86 -11.66 -6.34 -11.92
N TRP A 87 -11.52 -5.26 -11.16
CA TRP A 87 -12.11 -3.98 -11.51
C TRP A 87 -11.55 -3.48 -12.84
N ARG A 88 -10.25 -3.65 -13.08
CA ARG A 88 -9.65 -3.19 -14.34
C ARG A 88 -10.21 -3.95 -15.52
N VAL A 89 -10.42 -5.27 -15.38
CA VAL A 89 -10.99 -6.10 -16.44
C VAL A 89 -12.40 -5.62 -16.74
N LEU A 90 -13.20 -5.41 -15.70
CA LEU A 90 -14.59 -5.02 -15.87
C LEU A 90 -14.74 -3.62 -16.42
N SER A 91 -13.89 -2.69 -15.96
CA SER A 91 -13.91 -1.31 -16.44
CA SER A 91 -13.92 -1.32 -16.46
C SER A 91 -13.58 -1.28 -17.94
N SER A 92 -12.66 -2.10 -18.38
CA SER A 92 -12.26 -2.16 -19.78
C SER A 92 -13.42 -2.71 -20.62
N ILE A 93 -14.10 -3.75 -20.13
CA ILE A 93 -15.25 -4.32 -20.85
C ILE A 93 -16.37 -3.28 -20.93
N GLU A 94 -16.60 -2.55 -19.85
CA GLU A 94 -17.63 -1.53 -19.78
C GLU A 94 -17.33 -0.39 -20.74
N GLN A 95 -16.07 0.05 -20.81
CA GLN A 95 -15.69 1.12 -21.72
C GLN A 95 -15.90 0.72 -23.17
N LYS A 96 -15.60 -0.54 -23.52
CA LYS A 96 -15.81 -1.06 -24.87
C LYS A 96 -17.29 -1.17 -25.21
N SER A 97 -18.15 -1.47 -24.22
CA SER A 97 -19.58 -1.58 -24.44
C SER A 97 -20.25 -0.22 -24.69
N ASN A 98 -19.67 0.86 -24.16
CA ASN A 98 -20.23 2.21 -24.32
C ASN A 98 -19.70 2.96 -25.55
N GLU A 99 -18.89 2.31 -26.41
CA GLU A 99 -18.35 2.97 -27.60
C GLU A 99 -19.35 3.02 -28.75
N GLU A 100 -19.15 3.97 -29.69
CA GLU A 100 -19.97 4.18 -30.88
C GLU A 100 -21.47 4.29 -30.59
N GLY A 106 -26.82 -3.97 -22.16
CA GLY A 106 -27.63 -3.99 -20.94
C GLY A 106 -26.88 -3.40 -19.76
N PRO A 107 -27.53 -3.39 -18.58
CA PRO A 107 -26.89 -2.81 -17.39
C PRO A 107 -25.92 -3.74 -16.65
N GLU A 108 -25.80 -5.00 -17.04
CA GLU A 108 -25.04 -5.99 -16.29
C GLU A 108 -23.56 -5.70 -16.10
N VAL A 109 -22.85 -5.22 -17.11
CA VAL A 109 -21.42 -4.93 -16.96
C VAL A 109 -21.21 -3.81 -15.97
N ARG A 110 -21.99 -2.74 -16.07
CA ARG A 110 -21.91 -1.64 -15.12
C ARG A 110 -22.29 -2.10 -13.73
N GLU A 111 -23.34 -2.91 -13.61
CA GLU A 111 -23.76 -3.37 -12.29
C GLU A 111 -22.67 -4.22 -11.64
N TYR A 112 -22.06 -5.12 -12.41
CA TYR A 112 -21.05 -5.99 -11.81
C TYR A 112 -19.76 -5.24 -11.53
N ARG A 113 -19.38 -4.29 -12.37
CA ARG A 113 -18.22 -3.44 -12.07
C ARG A 113 -18.48 -2.63 -10.80
N GLU A 114 -19.72 -2.16 -10.61
CA GLU A 114 -20.07 -1.43 -9.42
C GLU A 114 -20.02 -2.29 -8.19
N LYS A 115 -20.44 -3.55 -8.29
CA LYS A 115 -20.42 -4.48 -7.17
C LYS A 115 -18.96 -4.73 -6.75
N VAL A 116 -18.07 -4.98 -7.70
CA VAL A 116 -16.65 -5.17 -7.39
C VAL A 116 -16.06 -3.89 -6.80
N GLU A 117 -16.43 -2.75 -7.35
CA GLU A 117 -15.96 -1.46 -6.86
C GLU A 117 -16.37 -1.22 -5.43
N THR A 118 -17.61 -1.51 -5.06
CA THR A 118 -18.09 -1.32 -3.71
C THR A 118 -17.35 -2.26 -2.74
N GLU A 119 -17.08 -3.48 -3.16
CA GLU A 119 -16.33 -4.44 -2.32
C GLU A 119 -14.90 -3.95 -2.11
N LEU A 120 -14.27 -3.43 -3.17
CA LEU A 120 -12.93 -2.85 -3.10
C LEU A 120 -12.93 -1.66 -2.14
N GLN A 121 -13.91 -0.77 -2.26
CA GLN A 121 -14.02 0.38 -1.37
C GLN A 121 -14.20 -0.06 0.05
N GLY A 122 -14.94 -1.14 0.28
CA GLY A 122 -15.13 -1.68 1.61
C GLY A 122 -13.84 -2.16 2.23
N VAL A 123 -13.02 -2.85 1.48
CA VAL A 123 -11.72 -3.30 1.98
C VAL A 123 -10.80 -2.11 2.27
N CYS A 124 -10.74 -1.11 1.38
CA CYS A 124 -9.92 0.07 1.65
C CYS A 124 -10.40 0.79 2.89
N ASP A 125 -11.72 0.93 3.05
CA ASP A 125 -12.29 1.58 4.24
C ASP A 125 -11.96 0.81 5.50
N THR A 126 -11.93 -0.51 5.43
CA THR A 126 -11.58 -1.33 6.58
C THR A 126 -10.12 -1.09 6.97
N VAL A 127 -9.20 -1.08 5.99
CA VAL A 127 -7.79 -0.85 6.27
C VAL A 127 -7.59 0.54 6.84
N LEU A 128 -8.20 1.56 6.20
CA LEU A 128 -8.06 2.92 6.69
C LEU A 128 -8.65 3.07 8.08
N GLY A 129 -9.70 2.32 8.39
CA GLY A 129 -10.28 2.35 9.72
C GLY A 129 -9.35 1.74 10.74
N LEU A 130 -8.64 0.65 10.41
CA LEU A 130 -7.67 0.07 11.34
C LEU A 130 -6.52 1.04 11.59
N LEU A 131 -6.06 1.74 10.52
CA LEU A 131 -4.99 2.70 10.69
C LEU A 131 -5.41 3.85 11.57
N ASP A 132 -6.67 4.30 11.46
CA ASP A 132 -7.20 5.39 12.27
C ASP A 132 -7.67 4.94 13.66
N SER A 133 -7.79 3.64 13.92
CA SER A 133 -8.29 3.15 15.21
C SER A 133 -7.53 1.90 15.67
N HIS A 134 -6.31 2.03 16.19
CA HIS A 134 -5.62 3.30 16.45
C HIS A 134 -4.15 3.13 16.12
N LEU A 135 -3.85 2.46 15.01
CA LEU A 135 -2.46 2.13 14.69
C LEU A 135 -1.55 3.34 14.52
N ILE A 136 -1.98 4.33 13.75
CA ILE A 136 -1.13 5.50 13.53
C ILE A 136 -0.95 6.31 14.81
N LYS A 137 -2.02 6.52 15.57
CA LYS A 137 -1.96 7.34 16.77
C LYS A 137 -0.95 6.80 17.78
N GLU A 138 -0.82 5.49 17.86
CA GLU A 138 0.10 4.88 18.80
C GLU A 138 1.51 4.63 18.26
N ALA A 139 1.74 4.91 16.96
CA ALA A 139 3.04 4.64 16.33
C ALA A 139 3.99 5.84 16.47
N GLY A 140 4.96 5.69 17.34
CA GLY A 140 5.94 6.73 17.65
C GLY A 140 7.30 6.52 17.04
N ASP A 141 7.64 5.27 16.72
CA ASP A 141 8.94 5.01 16.08
C ASP A 141 8.80 5.21 14.61
N ALA A 142 9.86 5.70 13.97
CA ALA A 142 9.81 5.92 12.53
C ALA A 142 9.47 4.68 11.73
N GLU A 143 10.00 3.51 12.10
CA GLU A 143 9.71 2.29 11.33
C GLU A 143 8.24 1.97 11.31
N SER A 144 7.53 2.16 12.42
CA SER A 144 6.10 1.85 12.45
CA SER A 144 6.11 1.86 12.46
C SER A 144 5.30 2.99 11.84
N ARG A 145 5.59 4.25 12.21
CA ARG A 145 4.82 5.38 11.72
C ARG A 145 4.92 5.56 10.23
N VAL A 146 6.11 5.44 9.64
CA VAL A 146 6.27 5.53 8.20
C VAL A 146 5.54 4.40 7.52
N PHE A 147 5.64 3.17 8.06
CA PHE A 147 4.94 2.04 7.46
C PHE A 147 3.42 2.28 7.41
N TYR A 148 2.82 2.75 8.50
CA TYR A 148 1.37 2.94 8.53
C TYR A 148 0.94 4.10 7.68
N LEU A 149 1.74 5.17 7.63
CA LEU A 149 1.38 6.31 6.77
C LEU A 149 1.52 5.95 5.31
N LYS A 150 2.50 5.12 4.95
CA LYS A 150 2.60 4.59 3.60
C LYS A 150 1.35 3.79 3.27
N MET A 151 0.88 2.96 4.19
CA MET A 151 -0.32 2.15 3.99
CA MET A 151 -0.30 2.16 3.97
C MET A 151 -1.52 3.07 3.79
N LYS A 152 -1.62 4.12 4.59
CA LYS A 152 -2.71 5.08 4.45
C LYS A 152 -2.70 5.72 3.05
N GLY A 153 -1.52 6.10 2.58
CA GLY A 153 -1.41 6.65 1.22
C GLY A 153 -1.79 5.64 0.17
N ASP A 154 -1.35 4.40 0.34
CA ASP A 154 -1.66 3.36 -0.62
C ASP A 154 -3.15 3.09 -0.73
N TYR A 155 -3.86 3.00 0.41
CA TYR A 155 -5.28 2.63 0.37
C TYR A 155 -6.14 3.81 -0.07
N TYR A 156 -5.70 5.07 0.19
CA TYR A 156 -6.38 6.20 -0.42
C TYR A 156 -6.11 6.22 -1.92
N ARG A 157 -4.92 5.80 -2.36
CA ARG A 157 -4.60 5.73 -3.78
C ARG A 157 -5.51 4.70 -4.46
N TYR A 158 -5.76 3.55 -3.82
CA TYR A 158 -6.66 2.56 -4.42
C TYR A 158 -8.08 3.11 -4.48
N LEU A 159 -8.53 3.85 -3.48
CA LEU A 159 -9.83 4.52 -3.57
C LEU A 159 -9.84 5.54 -4.72
N ALA A 160 -8.73 6.27 -4.91
CA ALA A 160 -8.62 7.26 -5.99
C ALA A 160 -8.71 6.63 -7.35
N GLU A 161 -8.21 5.40 -7.52
CA GLU A 161 -8.22 4.73 -8.81
C GLU A 161 -9.65 4.53 -9.32
N VAL A 162 -10.63 4.42 -8.42
CA VAL A 162 -12.03 4.18 -8.82
C VAL A 162 -12.95 5.36 -8.53
N ALA A 163 -12.43 6.48 -8.01
CA ALA A 163 -13.24 7.62 -7.63
C ALA A 163 -13.71 8.46 -8.78
N THR A 164 -14.96 8.99 -8.67
CA THR A 164 -15.59 9.84 -9.69
C THR A 164 -16.39 11.03 -9.10
N GLY A 165 -16.99 10.86 -7.92
CA GLY A 165 -17.86 11.86 -7.31
C GLY A 165 -17.27 13.19 -6.85
N ASP A 166 -18.02 13.91 -5.99
CA ASP A 166 -17.62 15.22 -5.44
C ASP A 166 -16.39 15.13 -4.53
N ASP A 167 -16.11 13.95 -3.96
CA ASP A 167 -14.97 13.79 -3.06
C ASP A 167 -13.69 13.31 -3.73
N LYS A 168 -13.65 13.13 -5.06
CA LYS A 168 -12.46 12.62 -5.75
C LYS A 168 -11.16 13.41 -5.45
N LYS A 169 -11.24 14.75 -5.53
CA LYS A 169 -10.08 15.57 -5.24
C LYS A 169 -9.65 15.42 -3.79
N ARG A 170 -10.60 15.27 -2.87
CA ARG A 170 -10.28 15.10 -1.46
C ARG A 170 -9.66 13.72 -1.24
N ILE A 171 -10.06 12.69 -1.98
CA ILE A 171 -9.44 11.36 -1.81
C ILE A 171 -7.97 11.42 -2.29
N ILE A 172 -7.72 12.11 -3.41
CA ILE A 172 -6.36 12.27 -3.92
C ILE A 172 -5.52 13.06 -2.93
N ASP A 173 -6.10 14.12 -2.35
CA ASP A 173 -5.34 14.90 -1.38
C ASP A 173 -5.08 14.12 -0.11
N SER A 174 -5.99 13.22 0.29
CA SER A 174 -5.73 12.38 1.47
C SER A 174 -4.57 11.42 1.21
N ALA A 175 -4.48 10.85 0.01
CA ALA A 175 -3.35 9.98 -0.32
C ALA A 175 -2.04 10.81 -0.29
N ARG A 176 -2.04 11.96 -0.93
CA ARG A 176 -0.87 12.83 -0.99
CA ARG A 176 -0.87 12.82 -0.98
C ARG A 176 -0.42 13.23 0.41
N SER A 177 -1.36 13.63 1.27
CA SER A 177 -1.01 14.07 2.60
C SER A 177 -0.37 12.97 3.42
N ALA A 178 -0.90 11.74 3.33
CA ALA A 178 -0.34 10.62 4.07
C ALA A 178 1.06 10.27 3.57
N TYR A 179 1.24 10.21 2.24
CA TYR A 179 2.55 9.95 1.68
C TYR A 179 3.54 11.04 2.05
N GLN A 180 3.13 12.29 2.03
CA GLN A 180 4.02 13.41 2.33
C GLN A 180 4.47 13.39 3.77
N GLU A 181 3.56 13.08 4.71
CA GLU A 181 3.97 12.95 6.11
C GLU A 181 4.95 11.80 6.29
N ALA A 182 4.71 10.68 5.62
CA ALA A 182 5.60 9.52 5.69
C ALA A 182 6.98 9.90 5.14
N MET A 183 7.01 10.62 4.00
CA MET A 183 8.27 11.05 3.39
CA MET A 183 8.26 11.04 3.38
C MET A 183 9.04 11.97 4.31
N ASP A 184 8.35 12.94 4.92
CA ASP A 184 9.01 13.88 5.81
C ASP A 184 9.66 13.16 7.00
N ILE A 185 8.98 12.16 7.58
CA ILE A 185 9.55 11.39 8.68
C ILE A 185 10.71 10.54 8.18
N SER A 186 10.53 9.88 7.03
CA SER A 186 11.55 8.97 6.52
C SER A 186 12.85 9.68 6.22
N LYS A 187 12.77 10.90 5.71
CA LYS A 187 13.97 11.67 5.37
C LYS A 187 14.71 12.12 6.61
N LYS A 188 14.01 12.34 7.72
CA LYS A 188 14.65 12.76 8.97
C LYS A 188 15.17 11.59 9.78
N GLU A 189 14.50 10.44 9.73
CA GLU A 189 14.77 9.34 10.65
C GLU A 189 15.29 8.05 10.09
N MET A 190 15.35 7.89 8.78
CA MET A 190 15.80 6.64 8.19
C MET A 190 16.90 6.88 7.20
N PRO A 191 17.82 5.92 7.05
CA PRO A 191 18.82 6.04 5.97
C PRO A 191 18.16 5.88 4.61
N PRO A 192 18.78 6.41 3.56
CA PRO A 192 18.17 6.35 2.22
C PRO A 192 18.03 4.97 1.64
N THR A 193 18.67 3.94 2.24
CA THR A 193 18.54 2.58 1.79
C THR A 193 17.48 1.79 2.54
N ASN A 194 16.85 2.38 3.59
CA ASN A 194 15.85 1.65 4.36
CA ASN A 194 15.84 1.66 4.36
C ASN A 194 14.72 1.17 3.43
N PRO A 195 14.44 -0.14 3.40
CA PRO A 195 13.42 -0.65 2.47
C PRO A 195 12.05 -0.02 2.60
N ILE A 196 11.63 0.39 3.81
CA ILE A 196 10.34 1.04 3.97
C ILE A 196 10.40 2.40 3.28
N ARG A 197 11.48 3.16 3.50
CA ARG A 197 11.67 4.47 2.85
C ARG A 197 11.69 4.31 1.33
N LEU A 198 12.37 3.27 0.84
CA LEU A 198 12.43 3.02 -0.60
C LEU A 198 11.06 2.65 -1.16
N GLY A 199 10.33 1.77 -0.48
CA GLY A 199 9.02 1.38 -0.98
C GLY A 199 8.03 2.51 -0.93
N LEU A 200 8.12 3.36 0.09
CA LEU A 200 7.28 4.57 0.17
C LEU A 200 7.54 5.45 -1.04
N ALA A 201 8.83 5.69 -1.34
CA ALA A 201 9.17 6.55 -2.47
C ALA A 201 8.70 5.95 -3.79
N LEU A 202 8.89 4.61 -3.97
CA LEU A 202 8.40 3.95 -5.18
C LEU A 202 6.89 4.17 -5.37
N ASN A 203 6.11 4.00 -4.30
CA ASN A 203 4.66 4.11 -4.37
C ASN A 203 4.20 5.55 -4.51
N PHE A 204 4.87 6.48 -3.82
CA PHE A 204 4.48 7.89 -3.94
C PHE A 204 4.81 8.38 -5.38
N SER A 205 5.89 7.87 -5.97
CA SER A 205 6.21 8.17 -7.34
C SER A 205 5.13 7.65 -8.28
N VAL A 206 4.64 6.42 -8.04
CA VAL A 206 3.53 5.90 -8.85
C VAL A 206 2.25 6.72 -8.63
N PHE A 207 1.97 7.18 -7.41
CA PHE A 207 0.86 8.10 -7.15
C PHE A 207 0.99 9.34 -8.04
N HIS A 208 2.20 9.96 -8.08
CA HIS A 208 2.37 11.15 -8.90
C HIS A 208 2.10 10.87 -10.35
N TYR A 209 2.58 9.75 -10.88
CA TYR A 209 2.44 9.43 -12.28
C TYR A 209 1.01 9.06 -12.66
N GLU A 210 0.39 8.14 -11.92
CA GLU A 210 -0.90 7.57 -12.28
C GLU A 210 -2.11 8.27 -11.73
N ILE A 211 -2.00 8.93 -10.59
CA ILE A 211 -3.16 9.54 -9.94
C ILE A 211 -3.14 11.05 -10.06
N ALA A 212 -2.00 11.68 -9.76
CA ALA A 212 -1.90 13.13 -9.77
C ALA A 212 -1.55 13.71 -11.13
N ASN A 213 -1.39 12.91 -12.16
CA ASN A 213 -1.04 13.37 -13.50
C ASN A 213 0.22 14.24 -13.49
N SER A 214 1.20 13.86 -12.67
CA SER A 214 2.46 14.58 -12.49
C SER A 214 3.64 13.67 -12.87
N PRO A 215 3.78 13.29 -14.15
CA PRO A 215 4.86 12.39 -14.53
C PRO A 215 6.24 12.92 -14.25
N GLU A 216 6.48 14.22 -14.36
CA GLU A 216 7.81 14.76 -14.06
C GLU A 216 8.16 14.63 -12.59
N GLU A 217 7.21 14.85 -11.69
CA GLU A 217 7.42 14.65 -10.26
C GLU A 217 7.67 13.19 -9.96
N ALA A 218 6.94 12.31 -10.60
CA ALA A 218 7.15 10.87 -10.45
C ALA A 218 8.58 10.46 -10.84
N ILE A 219 9.07 10.96 -11.99
CA ILE A 219 10.39 10.59 -12.46
C ILE A 219 11.45 11.19 -11.57
N SER A 220 11.30 12.46 -11.16
CA SER A 220 12.28 13.11 -10.29
CA SER A 220 12.28 13.11 -10.30
C SER A 220 12.39 12.37 -8.97
N LEU A 221 11.25 11.98 -8.39
CA LEU A 221 11.29 11.26 -7.11
C LEU A 221 11.96 9.91 -7.26
N ALA A 222 11.62 9.15 -8.29
CA ALA A 222 12.23 7.84 -8.48
C ALA A 222 13.75 7.96 -8.69
N LYS A 223 14.17 8.95 -9.49
CA LYS A 223 15.61 9.13 -9.78
C LYS A 223 16.38 9.57 -8.54
N THR A 224 15.89 10.57 -7.82
CA THR A 224 16.61 11.01 -6.60
CA THR A 224 16.56 11.04 -6.62
C THR A 224 16.65 9.91 -5.58
N THR A 225 15.55 9.17 -5.40
CA THR A 225 15.53 8.07 -4.43
C THR A 225 16.55 7.01 -4.80
N PHE A 226 16.60 6.65 -6.07
CA PHE A 226 17.56 5.66 -6.54
C PHE A 226 18.99 6.10 -6.30
N ASP A 227 19.30 7.33 -6.67
CA ASP A 227 20.66 7.84 -6.54
C ASP A 227 21.12 7.97 -5.09
N GLU A 228 20.26 8.44 -4.22
CA GLU A 228 20.60 8.58 -2.81
C GLU A 228 20.77 7.21 -2.15
N ALA A 229 19.99 6.22 -2.58
CA ALA A 229 20.16 4.86 -2.03
C ALA A 229 21.47 4.26 -2.52
N MET A 230 21.79 4.44 -3.81
CA MET A 230 23.03 3.91 -4.36
C MET A 230 24.27 4.36 -3.60
N ALA A 231 24.30 5.61 -3.24
CA ALA A 231 25.42 6.20 -2.53
C ALA A 231 25.55 5.76 -1.08
N ASP A 232 24.53 5.08 -0.53
CA ASP A 232 24.53 4.59 0.84
C ASP A 232 24.67 3.06 0.90
N LEU A 233 24.68 2.35 -0.23
CA LEU A 233 24.81 0.90 -0.22
C LEU A 233 26.07 0.41 0.44
N HIS A 234 27.15 1.22 0.40
CA HIS A 234 28.43 0.81 0.96
C HIS A 234 28.37 0.53 2.46
N THR A 235 27.37 1.08 3.16
CA THR A 235 27.24 0.90 4.60
C THR A 235 26.61 -0.40 4.98
N LEU A 236 26.03 -1.14 4.05
CA LEU A 236 25.19 -2.28 4.32
C LEU A 236 25.83 -3.63 4.36
N SER A 237 25.28 -4.52 5.17
CA SER A 237 25.67 -5.93 5.18
C SER A 237 25.12 -6.57 3.89
N GLU A 238 25.53 -7.80 3.57
CA GLU A 238 25.05 -8.51 2.39
C GLU A 238 23.54 -8.66 2.39
N ASP A 239 22.93 -9.01 3.54
CA ASP A 239 21.49 -9.20 3.59
C ASP A 239 20.73 -7.88 3.42
N SER A 240 21.20 -6.80 4.04
CA SER A 240 20.54 -5.50 3.88
C SER A 240 20.71 -5.00 2.44
N TYR A 241 21.88 -5.24 1.84
CA TYR A 241 22.15 -4.87 0.46
C TYR A 241 21.15 -5.54 -0.48
N LYS A 242 20.84 -6.81 -0.23
CA LYS A 242 19.88 -7.51 -1.05
C LYS A 242 18.48 -6.91 -0.93
N ASP A 243 18.05 -6.57 0.28
CA ASP A 243 16.73 -6.00 0.51
C ASP A 243 16.63 -4.64 -0.19
N SER A 244 17.65 -3.79 -0.07
CA SER A 244 17.58 -2.46 -0.66
C SER A 244 17.66 -2.50 -2.17
N THR A 245 18.57 -3.35 -2.72
CA THR A 245 18.73 -3.39 -4.17
C THR A 245 17.50 -3.96 -4.85
N LEU A 246 16.72 -4.81 -4.17
CA LEU A 246 15.49 -5.36 -4.77
C LEU A 246 14.51 -4.21 -5.08
N ILE A 247 14.35 -3.27 -4.14
CA ILE A 247 13.45 -2.14 -4.36
C ILE A 247 14.02 -1.14 -5.31
N MET A 248 15.37 -0.94 -5.28
CA MET A 248 15.99 -0.04 -6.25
C MET A 248 15.75 -0.51 -7.68
N GLN A 249 15.73 -1.84 -7.90
CA GLN A 249 15.47 -2.37 -9.23
C GLN A 249 14.05 -2.04 -9.67
N LEU A 250 13.08 -1.97 -8.75
CA LEU A 250 11.73 -1.57 -9.10
C LEU A 250 11.67 -0.09 -9.48
N LEU A 251 12.44 0.76 -8.79
CA LEU A 251 12.52 2.16 -9.18
C LEU A 251 13.09 2.31 -10.60
N ARG A 252 14.14 1.54 -10.89
CA ARG A 252 14.76 1.58 -12.21
C ARG A 252 13.78 1.03 -13.26
N ASP A 253 13.00 -0.01 -12.93
CA ASP A 253 12.02 -0.56 -13.85
C ASP A 253 10.98 0.49 -14.20
N ASN A 254 10.50 1.25 -13.20
CA ASN A 254 9.52 2.30 -13.47
C ASN A 254 10.15 3.40 -14.29
N LEU A 255 11.39 3.77 -14.00
CA LEU A 255 12.06 4.79 -14.78
C LEU A 255 12.23 4.37 -16.23
N THR A 256 12.47 3.08 -16.48
CA THR A 256 12.60 2.56 -17.84
C THR A 256 11.24 2.60 -18.57
N LEU A 257 10.16 2.30 -17.87
CA LEU A 257 8.82 2.37 -18.45
C LEU A 257 8.45 3.80 -18.79
N TRP A 258 8.89 4.78 -17.99
CA TRP A 258 8.47 6.16 -18.15
C TRP A 258 9.35 7.05 -19.00
N THR A 259 10.58 6.60 -19.27
CA THR A 259 11.52 7.40 -20.04
C THR A 259 11.95 6.70 -21.32
N PHE B 4 1.47 -1.68 -16.25
CA PHE B 4 1.34 -1.02 -14.95
C PHE B 4 2.69 -0.91 -14.27
N PRO B 5 2.93 0.20 -13.57
CA PRO B 5 4.23 0.34 -12.87
C PRO B 5 4.25 -0.47 -11.59
N ALA B 6 5.45 -0.73 -11.12
CA ALA B 6 5.69 -1.50 -9.93
C ALA B 6 5.43 -0.72 -8.66
N TPO B 7 4.77 -1.37 -7.71
CA TPO B 7 4.51 -0.84 -6.37
CB TPO B 7 3.14 -0.19 -6.14
CG2 TPO B 7 2.98 1.03 -7.02
OG1 TPO B 7 2.18 -1.24 -6.52
P TPO B 7 0.65 -1.09 -6.19
O1P TPO B 7 0.13 -2.56 -6.33
O2P TPO B 7 -0.01 -0.18 -7.19
O3P TPO B 7 0.50 -0.61 -4.81
C TPO B 7 4.77 -1.96 -5.37
O TPO B 7 4.75 -3.13 -5.76
N VAL B 8 5.04 -1.62 -4.10
CA VAL B 8 5.26 -2.66 -3.09
C VAL B 8 4.38 -2.51 -1.89
#